data_3KZE
#
_entry.id   3KZE
#
_cell.length_a   37.780
_cell.length_b   54.526
_cell.length_c   65.124
_cell.angle_alpha   90.00
_cell.angle_beta   96.26
_cell.angle_gamma   90.00
#
_symmetry.space_group_name_H-M   'P 1 21 1'
#
loop_
_entity.id
_entity.type
_entity.pdbx_description
1 polymer 'T-lymphoma invasion and metastasis-inducing protein 1'
2 polymer 'Synthetic Peptide'
3 water water
#
loop_
_entity_poly.entity_id
_entity_poly.type
_entity_poly.pdbx_seq_one_letter_code
_entity_poly.pdbx_strand_id
1 'polypeptide(L)'
;GAMGKVTHSIHIEKSDTAADTYGFSLSSVEEDGIRRLYVNSVKETGLASKKGLKAGDEILEINNRAADALNSSMLKDFLS
QPSLGLLVRTYPEL
;
A,B,C
2 'polypeptide(L)' SSRKEYYA D,E
#
# COMPACT_ATOMS: atom_id res chain seq x y z
N ALA A 2 14.14 -20.44 -11.00
CA ALA A 2 12.74 -20.36 -10.60
C ALA A 2 12.51 -19.14 -9.74
N MET A 3 11.70 -18.21 -10.23
CA MET A 3 11.47 -16.95 -9.54
C MET A 3 10.67 -17.07 -8.25
N GLY A 4 11.13 -16.38 -7.22
CA GLY A 4 10.38 -16.29 -5.98
C GLY A 4 9.65 -14.95 -5.95
N LYS A 5 9.99 -14.10 -5.00
CA LYS A 5 9.37 -12.78 -4.90
C LYS A 5 9.95 -11.82 -5.94
N VAL A 6 9.19 -10.79 -6.26
CA VAL A 6 9.67 -9.69 -7.10
C VAL A 6 9.24 -8.37 -6.50
N THR A 7 10.02 -7.32 -6.72
CA THR A 7 9.70 -6.01 -6.18
C THR A 7 9.33 -5.12 -7.35
N HIS A 8 8.32 -4.28 -7.20
CA HIS A 8 7.96 -3.36 -8.27
C HIS A 8 7.25 -2.12 -7.73
N SER A 9 7.25 -1.05 -8.52
CA SER A 9 6.65 0.20 -8.07
C SER A 9 5.22 0.28 -8.57
N ILE A 10 4.34 0.80 -7.72
CA ILE A 10 2.96 1.00 -8.09
C ILE A 10 2.62 2.45 -7.79
N HIS A 11 2.02 3.11 -8.75
CA HIS A 11 1.55 4.46 -8.54
CA HIS A 11 1.56 4.47 -8.56
C HIS A 11 0.05 4.54 -8.80
N ILE A 12 -0.67 5.14 -7.86
CA ILE A 12 -2.12 5.19 -7.95
C ILE A 12 -2.57 6.62 -7.81
N GLU A 13 -3.66 6.97 -8.47
CA GLU A 13 -4.18 8.33 -8.44
C GLU A 13 -5.68 8.27 -8.26
N LYS A 14 -6.22 9.20 -7.48
CA LYS A 14 -7.66 9.33 -7.35
C LYS A 14 -8.05 10.79 -7.41
N SER A 15 -9.34 11.08 -7.55
CA SER A 15 -9.81 12.44 -7.79
C SER A 15 -10.39 13.12 -6.55
N ASP A 16 -10.28 12.46 -5.41
CA ASP A 16 -10.79 13.02 -4.16
C ASP A 16 -9.75 12.96 -3.03
N THR A 17 -10.16 13.38 -1.84
CA THR A 17 -9.26 13.39 -0.68
C THR A 17 -9.81 12.52 0.46
N ALA A 18 -10.61 11.52 0.10
CA ALA A 18 -11.21 10.62 1.07
C ALA A 18 -10.24 9.52 1.50
N ALA A 19 -10.30 9.17 2.78
CA ALA A 19 -9.31 8.29 3.40
C ALA A 19 -9.27 6.86 2.85
N ASP A 20 -10.40 6.35 2.37
CA ASP A 20 -10.51 4.92 2.07
C ASP A 20 -10.74 4.61 0.59
N THR A 21 -10.47 5.59 -0.27
CA THR A 21 -10.84 5.45 -1.67
C THR A 21 -9.82 4.69 -2.54
N TYR A 22 -8.65 4.35 -2.00
CA TYR A 22 -7.68 3.55 -2.76
C TYR A 22 -8.05 2.07 -2.84
N GLY A 23 -8.94 1.62 -1.96
CA GLY A 23 -9.45 0.26 -2.04
C GLY A 23 -8.48 -0.80 -1.57
N PHE A 24 -7.79 -0.53 -0.47
CA PHE A 24 -6.97 -1.54 0.17
C PHE A 24 -6.73 -1.17 1.63
N SER A 25 -6.33 -2.17 2.41
CA SER A 25 -6.02 -1.95 3.82
C SER A 25 -4.71 -2.63 4.18
N LEU A 26 -4.09 -2.17 5.26
CA LEU A 26 -2.77 -2.66 5.65
C LEU A 26 -2.81 -3.29 7.02
N SER A 27 -2.01 -4.33 7.21
CA SER A 27 -1.81 -4.95 8.50
C SER A 27 -0.33 -4.80 8.86
N SER A 28 -0.03 -4.88 10.14
CA SER A 28 1.31 -4.51 10.58
C SER A 28 1.86 -5.56 11.53
N VAL A 29 3.18 -5.73 11.50
CA VAL A 29 3.86 -6.61 12.44
C VAL A 29 5.26 -6.07 12.70
N GLU A 30 5.65 -6.06 13.97
CA GLU A 30 6.97 -5.63 14.36
C GLU A 30 7.82 -6.83 14.76
N GLU A 31 8.96 -6.98 14.11
CA GLU A 31 9.90 -8.05 14.43
C GLU A 31 11.32 -7.48 14.48
N ASP A 32 12.01 -7.76 15.58
CA ASP A 32 13.40 -7.33 15.72
C ASP A 32 13.49 -5.81 15.61
N GLY A 33 12.51 -5.12 16.15
CA GLY A 33 12.51 -3.67 16.18
C GLY A 33 12.29 -3.02 14.82
N ILE A 34 11.89 -3.82 13.83
CA ILE A 34 11.56 -3.32 12.50
C ILE A 34 10.10 -3.60 12.17
N ARG A 35 9.33 -2.57 11.84
CA ARG A 35 7.93 -2.77 11.48
C ARG A 35 7.81 -3.12 9.99
N ARG A 36 6.97 -4.10 9.68
CA ARG A 36 6.69 -4.46 8.30
C ARG A 36 5.20 -4.25 8.02
N LEU A 37 4.89 -3.83 6.80
CA LEU A 37 3.49 -3.59 6.41
C LEU A 37 3.10 -4.55 5.32
N TYR A 38 1.91 -5.12 5.48
CA TYR A 38 1.38 -6.07 4.51
C TYR A 38 0.01 -5.64 4.07
N VAL A 39 -0.32 -5.96 2.83
CA VAL A 39 -1.65 -5.73 2.33
C VAL A 39 -2.61 -6.76 2.93
N ASN A 40 -3.56 -6.23 3.68
CA ASN A 40 -4.53 -7.02 4.40
C ASN A 40 -5.66 -7.46 3.48
N SER A 41 -6.18 -6.51 2.71
CA SER A 41 -7.25 -6.79 1.78
C SER A 41 -7.21 -5.82 0.60
N VAL A 42 -7.65 -6.31 -0.56
CA VAL A 42 -7.78 -5.45 -1.73
C VAL A 42 -9.21 -5.55 -2.25
N LYS A 43 -9.82 -4.39 -2.46
CA LYS A 43 -11.17 -4.27 -2.99
C LYS A 43 -11.14 -4.73 -4.43
N GLU A 44 -12.01 -5.67 -4.77
CA GLU A 44 -11.94 -6.33 -6.06
C GLU A 44 -11.93 -5.37 -7.24
N THR A 45 -12.80 -4.36 -7.21
CA THR A 45 -12.89 -3.41 -8.32
C THR A 45 -12.21 -2.07 -8.03
N GLY A 46 -11.44 -2.01 -6.95
CA GLY A 46 -10.87 -0.77 -6.48
C GLY A 46 -9.64 -0.32 -7.25
N LEU A 47 -9.18 0.89 -6.92
CA LEU A 47 -8.06 1.50 -7.61
C LEU A 47 -6.80 0.66 -7.49
N ALA A 48 -6.47 0.23 -6.27
CA ALA A 48 -5.25 -0.53 -6.00
C ALA A 48 -5.21 -1.83 -6.78
N SER A 49 -6.35 -2.52 -6.84
CA SER A 49 -6.46 -3.77 -7.56
C SER A 49 -6.17 -3.57 -9.05
N LYS A 50 -6.74 -2.51 -9.62
CA LYS A 50 -6.54 -2.18 -11.03
C LYS A 50 -5.08 -1.87 -11.33
N LYS A 51 -4.33 -1.47 -10.30
CA LYS A 51 -2.89 -1.23 -10.43
C LYS A 51 -2.04 -2.46 -10.09
N GLY A 52 -2.70 -3.56 -9.78
CA GLY A 52 -2.01 -4.81 -9.49
C GLY A 52 -1.55 -5.03 -8.07
N LEU A 53 -2.13 -4.33 -7.10
CA LEU A 53 -1.83 -4.62 -5.69
C LEU A 53 -2.58 -5.88 -5.27
N LYS A 54 -1.89 -6.76 -4.54
CA LYS A 54 -2.46 -8.06 -4.13
C LYS A 54 -2.46 -8.26 -2.62
N ALA A 55 -3.50 -8.91 -2.11
CA ALA A 55 -3.52 -9.33 -0.72
C ALA A 55 -2.29 -10.19 -0.40
N GLY A 56 -1.64 -9.90 0.71
CA GLY A 56 -0.46 -10.64 1.08
C GLY A 56 0.83 -10.03 0.57
N ASP A 57 0.72 -9.03 -0.31
CA ASP A 57 1.90 -8.25 -0.73
C ASP A 57 2.52 -7.55 0.47
N GLU A 58 3.83 -7.37 0.42
CA GLU A 58 4.50 -6.55 1.44
C GLU A 58 4.73 -5.16 0.90
N ILE A 59 4.43 -4.14 1.72
CA ILE A 59 4.72 -2.76 1.34
C ILE A 59 6.09 -2.38 1.89
N LEU A 60 7.06 -2.20 0.99
CA LEU A 60 8.40 -1.83 1.40
C LEU A 60 8.53 -0.33 1.66
N GLU A 61 7.87 0.46 0.81
CA GLU A 61 7.92 1.92 0.92
C GLU A 61 6.60 2.54 0.48
N ILE A 62 6.30 3.69 1.07
CA ILE A 62 5.19 4.52 0.64
C ILE A 62 5.73 5.94 0.45
N ASN A 63 5.56 6.49 -0.74
CA ASN A 63 6.10 7.80 -1.08
C ASN A 63 7.59 7.93 -0.75
N ASN A 64 8.34 6.88 -1.08
CA ASN A 64 9.81 6.86 -0.94
C ASN A 64 10.29 6.77 0.49
N ARG A 65 9.37 6.57 1.43
CA ARG A 65 9.74 6.33 2.82
C ARG A 65 9.58 4.86 3.15
N ALA A 66 10.61 4.29 3.78
CA ALA A 66 10.53 2.90 4.19
C ALA A 66 9.32 2.64 5.12
N ALA A 67 8.78 1.44 5.04
CA ALA A 67 7.67 1.04 5.90
C ALA A 67 7.95 1.27 7.38
N ASP A 68 9.17 1.01 7.83
CA ASP A 68 9.53 1.19 9.24
C ASP A 68 9.76 2.66 9.61
N ALA A 69 9.63 3.55 8.62
CA ALA A 69 9.81 4.97 8.86
C ALA A 69 8.49 5.72 8.70
N LEU A 70 7.39 4.99 8.80
CA LEU A 70 6.06 5.58 8.73
C LEU A 70 5.34 5.44 10.06
N ASN A 71 4.60 6.47 10.47
CA ASN A 71 3.74 6.35 11.64
C ASN A 71 2.27 6.42 11.21
N SER A 72 1.36 6.20 12.16
CA SER A 72 -0.06 6.11 11.84
C SER A 72 -0.64 7.38 11.25
N SER A 73 -0.13 8.54 11.68
CA SER A 73 -0.59 9.83 11.17
C SER A 73 -0.21 10.03 9.71
N MET A 74 1.03 9.66 9.37
CA MET A 74 1.53 9.77 8.01
C MET A 74 0.77 8.80 7.09
N LEU A 75 0.46 7.61 7.61
CA LEU A 75 -0.29 6.63 6.86
C LEU A 75 -1.65 7.15 6.44
N LYS A 76 -2.39 7.70 7.41
CA LYS A 76 -3.73 8.21 7.12
C LYS A 76 -3.63 9.31 6.07
N ASP A 77 -2.68 10.22 6.27
CA ASP A 77 -2.47 11.31 5.35
C ASP A 77 -2.15 10.80 3.94
N PHE A 78 -1.12 9.98 3.83
CA PHE A 78 -0.70 9.50 2.51
C PHE A 78 -1.83 8.74 1.82
N LEU A 79 -2.54 7.91 2.56
CA LEU A 79 -3.64 7.13 2.00
C LEU A 79 -4.87 7.97 1.59
N SER A 80 -4.85 9.26 1.93
CA SER A 80 -5.98 10.14 1.58
C SER A 80 -5.63 11.17 0.52
N GLN A 81 -4.37 11.19 0.09
CA GLN A 81 -3.91 12.14 -0.93
C GLN A 81 -4.30 11.70 -2.34
N PRO A 82 -4.34 12.66 -3.28
CA PRO A 82 -4.82 12.40 -4.64
C PRO A 82 -3.89 11.47 -5.43
N SER A 83 -2.67 11.30 -4.94
CA SER A 83 -1.78 10.33 -5.54
C SER A 83 -1.04 9.56 -4.46
N LEU A 84 -0.59 8.37 -4.81
CA LEU A 84 0.08 7.49 -3.87
C LEU A 84 1.13 6.64 -4.58
N GLY A 85 2.34 6.61 -4.04
CA GLY A 85 3.41 5.77 -4.58
C GLY A 85 3.79 4.67 -3.60
N LEU A 86 3.89 3.44 -4.10
CA LEU A 86 4.22 2.29 -3.27
C LEU A 86 5.36 1.50 -3.89
N LEU A 87 6.25 1.00 -3.05
CA LEU A 87 7.20 -0.03 -3.49
C LEU A 87 6.73 -1.32 -2.84
N VAL A 88 6.46 -2.31 -3.68
CA VAL A 88 5.73 -3.51 -3.28
C VAL A 88 6.52 -4.76 -3.59
N ARG A 89 6.49 -5.71 -2.69
CA ARG A 89 7.07 -7.03 -2.91
C ARG A 89 5.94 -8.06 -2.99
N THR A 90 5.93 -8.84 -4.07
CA THR A 90 4.82 -9.71 -4.38
C THR A 90 5.33 -11.03 -4.96
N TYR A 91 4.45 -12.02 -5.02
CA TYR A 91 4.75 -13.22 -5.80
C TYR A 91 4.07 -13.09 -7.15
N PRO A 92 4.81 -13.42 -8.22
CA PRO A 92 4.23 -13.42 -9.56
C PRO A 92 2.95 -14.25 -9.63
N GLU A 93 1.99 -13.73 -10.39
CA GLU A 93 0.73 -14.42 -10.63
C GLU A 93 0.48 -14.39 -12.13
N LEU A 94 -0.04 -15.49 -12.67
CA LEU A 94 -0.38 -15.54 -14.08
C LEU A 94 -1.47 -14.52 -14.41
N ALA B 2 6.31 14.44 20.77
CA ALA B 2 5.96 13.76 19.53
C ALA B 2 5.56 14.77 18.45
N MET B 3 6.41 14.93 17.45
CA MET B 3 6.22 15.98 16.44
C MET B 3 5.47 15.49 15.20
N GLY B 4 4.43 16.22 14.83
CA GLY B 4 3.66 15.93 13.64
C GLY B 4 4.27 16.63 12.44
N LYS B 5 3.43 17.29 11.64
CA LYS B 5 3.89 17.95 10.43
C LYS B 5 4.68 19.22 10.75
N VAL B 6 5.48 19.66 9.79
CA VAL B 6 6.17 20.93 9.95
C VAL B 6 6.09 21.70 8.65
N THR B 7 6.12 23.03 8.76
CA THR B 7 6.07 23.85 7.57
C THR B 7 7.44 24.48 7.35
N HIS B 8 7.89 24.56 6.10
CA HIS B 8 9.13 25.26 5.81
C HIS B 8 9.11 25.90 4.43
N SER B 9 9.96 26.90 4.24
CA SER B 9 10.03 27.62 2.98
C SER B 9 11.16 27.07 2.13
N ILE B 10 10.86 26.83 0.86
CA ILE B 10 11.86 26.37 -0.08
C ILE B 10 11.98 27.40 -1.20
N HIS B 11 13.21 27.71 -1.58
CA HIS B 11 13.41 28.57 -2.73
C HIS B 11 14.36 27.91 -3.70
N ILE B 12 13.95 27.82 -4.96
CA ILE B 12 14.73 27.10 -5.96
C ILE B 12 15.05 28.01 -7.14
N GLU B 13 16.30 27.99 -7.57
CA GLU B 13 16.74 28.79 -8.72
C GLU B 13 17.39 27.87 -9.75
N LYS B 14 16.88 27.87 -10.97
CA LYS B 14 17.45 27.00 -11.99
C LYS B 14 18.89 27.40 -12.30
N SER B 15 19.23 28.66 -12.02
CA SER B 15 20.59 29.14 -12.26
C SER B 15 21.66 28.34 -11.50
N ASP B 16 21.26 27.66 -10.43
CA ASP B 16 22.20 26.88 -9.62
C ASP B 16 23.03 25.88 -10.44
N THR B 17 22.38 25.23 -11.42
CA THR B 17 23.05 24.23 -12.25
C THR B 17 22.61 24.38 -13.70
N ALA B 18 22.03 25.53 -14.01
CA ALA B 18 21.54 25.80 -15.36
C ALA B 18 20.58 24.71 -15.81
N ALA B 19 19.61 24.40 -14.94
CA ALA B 19 18.64 23.35 -15.23
C ALA B 19 17.44 23.92 -15.99
N ASP B 20 16.78 23.05 -16.76
CA ASP B 20 15.56 23.43 -17.47
C ASP B 20 14.30 23.08 -16.67
N THR B 21 14.43 22.15 -15.73
CA THR B 21 13.31 21.81 -14.85
C THR B 21 13.74 21.69 -13.40
N TYR B 22 12.76 21.73 -12.49
CA TYR B 22 13.02 21.62 -11.05
C TYR B 22 13.02 20.18 -10.58
N GLY B 23 12.42 19.29 -11.36
CA GLY B 23 12.46 17.86 -11.06
C GLY B 23 11.45 17.42 -10.02
N PHE B 24 10.21 17.89 -10.15
CA PHE B 24 9.10 17.39 -9.34
C PHE B 24 7.77 17.55 -10.07
N SER B 25 6.74 16.88 -9.57
CA SER B 25 5.39 17.08 -10.08
C SER B 25 4.39 17.26 -8.94
N LEU B 26 3.28 17.91 -9.28
CA LEU B 26 2.29 18.34 -8.30
C LEU B 26 0.94 17.78 -8.73
N SER B 27 0.17 17.30 -7.77
CA SER B 27 -1.23 16.97 -8.06
C SER B 27 -2.11 18.01 -7.38
N SER B 28 -3.05 18.53 -8.16
CA SER B 28 -3.93 19.62 -7.73
C SER B 28 -5.35 19.11 -7.68
N VAL B 29 -5.91 19.01 -6.48
CA VAL B 29 -7.31 18.62 -6.35
C VAL B 29 -8.19 19.81 -6.02
N GLU B 30 -9.25 19.94 -6.81
CA GLU B 30 -10.26 20.97 -6.60
C GLU B 30 -11.52 20.30 -6.08
N GLU B 31 -11.60 20.14 -4.76
CA GLU B 31 -12.76 19.53 -4.14
C GLU B 31 -13.64 20.59 -3.48
N ASP B 32 -14.94 20.51 -3.72
CA ASP B 32 -15.89 21.48 -3.19
C ASP B 32 -15.61 22.87 -3.76
N GLY B 33 -14.68 22.94 -4.72
CA GLY B 33 -14.28 24.20 -5.29
C GLY B 33 -13.03 24.75 -4.63
N ILE B 34 -12.71 24.19 -3.45
CA ILE B 34 -11.50 24.52 -2.72
C ILE B 34 -10.33 23.69 -3.23
N ARG B 35 -9.13 24.25 -3.23
CA ARG B 35 -7.99 23.61 -3.87
C ARG B 35 -6.84 23.25 -2.90
N ARG B 36 -6.27 22.07 -3.10
CA ARG B 36 -5.06 21.69 -2.37
C ARG B 36 -4.05 21.20 -3.38
N LEU B 37 -2.77 21.32 -3.03
CA LEU B 37 -1.68 20.91 -3.91
C LEU B 37 -0.78 19.95 -3.15
N TYR B 38 -0.50 18.80 -3.76
CA TYR B 38 0.38 17.82 -3.14
C TYR B 38 1.52 17.48 -4.09
N VAL B 39 2.67 17.17 -3.54
CA VAL B 39 3.81 16.73 -4.34
C VAL B 39 3.63 15.26 -4.72
N ASN B 40 3.58 15.01 -6.03
CA ASN B 40 3.31 13.69 -6.57
C ASN B 40 4.58 12.86 -6.72
N SER B 41 5.63 13.48 -7.24
CA SER B 41 6.92 12.81 -7.38
C SER B 41 8.07 13.83 -7.31
N VAL B 42 9.24 13.34 -6.94
CA VAL B 42 10.44 14.17 -6.93
C VAL B 42 11.66 13.43 -7.49
N LYS B 43 12.35 14.05 -8.45
CA LYS B 43 13.57 13.47 -9.00
C LYS B 43 14.73 13.58 -8.01
N GLU B 44 15.34 12.43 -7.69
CA GLU B 44 16.37 12.37 -6.65
C GLU B 44 17.56 13.29 -6.89
N THR B 45 17.96 13.46 -8.15
CA THR B 45 19.12 14.28 -8.47
C THR B 45 18.77 15.72 -8.85
N GLY B 46 17.49 16.08 -8.73
CA GLY B 46 17.01 17.37 -9.18
C GLY B 46 17.09 18.48 -8.15
N LEU B 47 16.82 19.71 -8.60
CA LEU B 47 16.93 20.90 -7.77
C LEU B 47 15.98 20.86 -6.58
N ALA B 48 14.75 20.39 -6.81
CA ALA B 48 13.76 20.31 -5.72
C ALA B 48 14.21 19.35 -4.63
N SER B 49 14.73 18.20 -5.05
CA SER B 49 15.17 17.22 -4.09
C SER B 49 16.29 17.78 -3.25
N LYS B 50 17.19 18.54 -3.87
CA LYS B 50 18.32 19.12 -3.16
C LYS B 50 17.91 20.13 -2.09
N LYS B 51 16.73 20.72 -2.25
CA LYS B 51 16.22 21.71 -1.31
C LYS B 51 15.23 21.08 -0.32
N GLY B 52 15.06 19.76 -0.41
CA GLY B 52 14.32 19.04 0.60
C GLY B 52 12.89 18.65 0.26
N LEU B 53 12.43 18.96 -0.95
CA LEU B 53 11.07 18.57 -1.35
C LEU B 53 10.91 17.03 -1.41
N LYS B 54 9.79 16.52 -0.90
CA LYS B 54 9.55 15.07 -0.88
C LYS B 54 8.16 14.73 -1.39
N ALA B 55 8.03 13.55 -2.00
CA ALA B 55 6.72 13.04 -2.42
C ALA B 55 5.78 13.01 -1.22
N GLY B 56 4.54 13.45 -1.42
CA GLY B 56 3.57 13.45 -0.34
C GLY B 56 3.54 14.74 0.47
N ASP B 57 4.49 15.64 0.24
CA ASP B 57 4.46 16.97 0.87
C ASP B 57 3.23 17.71 0.38
N GLU B 58 2.69 18.60 1.22
CA GLU B 58 1.64 19.49 0.72
C GLU B 58 2.22 20.88 0.45
N ILE B 59 1.82 21.49 -0.67
CA ILE B 59 2.24 22.84 -1.00
C ILE B 59 1.16 23.80 -0.51
N LEU B 60 1.51 24.62 0.47
CA LEU B 60 0.55 25.56 1.03
C LEU B 60 0.52 26.87 0.27
N GLU B 61 1.68 27.28 -0.23
CA GLU B 61 1.81 28.54 -0.98
C GLU B 61 2.82 28.43 -2.10
N ILE B 62 2.60 29.18 -3.18
CA ILE B 62 3.61 29.31 -4.21
C ILE B 62 3.82 30.80 -4.48
N ASN B 63 5.06 31.27 -4.37
CA ASN B 63 5.37 32.68 -4.53
C ASN B 63 4.46 33.54 -3.65
N ASN B 64 4.30 33.11 -2.42
CA ASN B 64 3.53 33.84 -1.41
C ASN B 64 2.02 33.89 -1.64
N ARG B 65 1.53 33.08 -2.58
CA ARG B 65 0.09 32.98 -2.81
C ARG B 65 -0.42 31.62 -2.34
N ALA B 66 -1.56 31.62 -1.63
CA ALA B 66 -2.12 30.37 -1.11
C ALA B 66 -2.60 29.46 -2.24
N ALA B 67 -2.46 28.16 -2.03
CA ALA B 67 -2.84 27.18 -3.05
C ALA B 67 -4.27 27.39 -3.57
N ASP B 68 -5.18 27.74 -2.68
CA ASP B 68 -6.57 27.92 -3.08
CA ASP B 68 -6.58 27.93 -3.06
C ASP B 68 -6.75 29.19 -3.91
N ALA B 69 -5.72 30.03 -3.95
CA ALA B 69 -5.78 31.27 -4.71
C ALA B 69 -5.13 31.11 -6.09
N LEU B 70 -4.58 29.93 -6.35
CA LEU B 70 -3.95 29.69 -7.65
C LEU B 70 -4.90 29.01 -8.63
N ASN B 71 -4.72 29.32 -9.91
CA ASN B 71 -5.45 28.64 -10.97
C ASN B 71 -4.46 27.95 -11.91
N SER B 72 -4.99 27.20 -12.88
CA SER B 72 -4.11 26.49 -13.82
C SER B 72 -3.13 27.42 -14.51
N SER B 73 -3.59 28.57 -14.99
CA SER B 73 -2.71 29.51 -15.68
C SER B 73 -1.54 29.92 -14.79
N MET B 74 -1.86 30.26 -13.53
CA MET B 74 -0.85 30.76 -12.60
C MET B 74 0.14 29.67 -12.30
N LEU B 75 -0.39 28.48 -12.06
CA LEU B 75 0.42 27.33 -11.71
C LEU B 75 1.43 27.05 -12.80
N LYS B 76 0.96 26.95 -14.04
CA LYS B 76 1.86 26.67 -15.17
C LYS B 76 2.89 27.77 -15.33
N ASP B 77 2.47 29.02 -15.14
CA ASP B 77 3.37 30.15 -15.26
C ASP B 77 4.48 30.07 -14.23
N PHE B 78 4.12 30.02 -12.95
CA PHE B 78 5.09 29.97 -11.87
C PHE B 78 6.03 28.77 -11.98
N LEU B 79 5.47 27.60 -12.28
CA LEU B 79 6.29 26.39 -12.28
C LEU B 79 7.32 26.38 -13.41
N SER B 80 7.12 27.22 -14.42
CA SER B 80 8.04 27.27 -15.58
C SER B 80 9.06 28.40 -15.51
N GLN B 81 8.93 29.25 -14.49
CA GLN B 81 9.84 30.39 -14.32
C GLN B 81 11.23 29.95 -13.85
N PRO B 82 12.22 30.85 -13.99
CA PRO B 82 13.63 30.58 -13.65
C PRO B 82 13.87 30.37 -12.16
N SER B 83 12.93 30.83 -11.34
CA SER B 83 13.05 30.69 -9.88
C SER B 83 11.65 30.46 -9.34
N LEU B 84 11.57 29.89 -8.14
CA LEU B 84 10.29 29.45 -7.58
C LEU B 84 10.36 29.43 -6.05
N GLY B 85 9.34 30.00 -5.39
CA GLY B 85 9.27 29.89 -3.94
C GLY B 85 8.08 29.05 -3.53
N LEU B 86 8.30 28.15 -2.56
CA LEU B 86 7.25 27.27 -2.08
C LEU B 86 7.15 27.33 -0.56
N LEU B 87 5.91 27.24 -0.05
CA LEU B 87 5.73 27.03 1.36
C LEU B 87 5.19 25.61 1.51
N VAL B 88 5.96 24.76 2.18
CA VAL B 88 5.75 23.31 2.16
C VAL B 88 5.43 22.75 3.53
N ARG B 89 4.45 21.86 3.60
CA ARG B 89 4.16 21.18 4.84
C ARG B 89 4.53 19.72 4.66
N THR B 90 5.35 19.20 5.58
CA THR B 90 5.92 17.87 5.43
C THR B 90 5.98 17.13 6.77
N TYR B 91 6.18 15.82 6.72
CA TYR B 91 6.48 15.07 7.93
C TYR B 91 8.00 14.91 8.04
N PRO B 92 8.55 15.15 9.23
CA PRO B 92 9.99 14.91 9.47
C PRO B 92 10.33 13.47 9.11
N GLU B 93 11.55 13.21 8.66
CA GLU B 93 11.94 11.85 8.36
C GLU B 93 12.16 11.06 9.66
N LEU B 94 11.50 9.91 9.79
CA LEU B 94 11.65 9.06 10.95
C LEU B 94 12.87 8.15 10.82
N MET C 3 -19.94 -31.58 -3.91
CA MET C 3 -20.95 -32.58 -3.61
C MET C 3 -21.60 -32.33 -2.25
N GLY C 4 -22.47 -31.33 -2.20
CA GLY C 4 -23.16 -30.99 -0.97
C GLY C 4 -22.36 -30.10 -0.04
N LYS C 5 -21.46 -29.31 -0.60
CA LYS C 5 -20.60 -28.46 0.22
C LYS C 5 -20.94 -26.99 0.03
N VAL C 6 -20.45 -26.16 0.95
CA VAL C 6 -20.68 -24.74 0.84
C VAL C 6 -19.36 -23.97 0.89
N THR C 7 -19.26 -22.95 0.06
CA THR C 7 -18.05 -22.15 -0.01
C THR C 7 -18.26 -20.83 0.72
N HIS C 8 -17.25 -20.42 1.51
CA HIS C 8 -17.33 -19.17 2.26
C HIS C 8 -15.96 -18.61 2.57
N SER C 9 -15.91 -17.32 2.87
CA SER C 9 -14.63 -16.67 3.09
C SER C 9 -14.37 -16.51 4.57
N ILE C 10 -13.12 -16.66 4.96
CA ILE C 10 -12.70 -16.39 6.33
C ILE C 10 -11.55 -15.39 6.31
N HIS C 11 -11.60 -14.40 7.20
CA HIS C 11 -10.51 -13.46 7.34
CA HIS C 11 -10.49 -13.48 7.34
C HIS C 11 -10.03 -13.43 8.78
N ILE C 12 -8.73 -13.59 8.99
CA ILE C 12 -8.18 -13.66 10.33
C ILE C 12 -7.06 -12.65 10.48
N GLU C 13 -6.94 -12.08 11.68
CA GLU C 13 -5.85 -11.19 12.00
C GLU C 13 -5.19 -11.61 13.30
N LYS C 14 -3.87 -11.43 13.36
CA LYS C 14 -3.10 -11.70 14.56
C LYS C 14 -2.61 -10.38 15.14
N SER C 15 -2.66 -10.26 16.46
CA SER C 15 -2.24 -9.03 17.12
C SER C 15 -0.72 -8.86 17.13
N ASP C 16 -0.26 -7.70 16.68
CA ASP C 16 1.16 -7.34 16.70
C ASP C 16 2.06 -8.44 16.15
N ALA C 19 2.62 -12.85 19.72
CA ALA C 19 3.09 -13.32 18.42
C ALA C 19 2.83 -14.82 18.26
N ASP C 20 1.57 -15.22 18.41
CA ASP C 20 1.20 -16.63 18.26
C ASP C 20 0.91 -16.97 16.80
N THR C 21 0.42 -18.20 16.58
CA THR C 21 0.12 -18.69 15.25
C THR C 21 -1.39 -18.67 14.99
N TYR C 22 -1.81 -19.07 13.80
CA TYR C 22 -3.26 -19.06 13.49
C TYR C 22 -3.96 -20.30 14.03
N GLY C 23 -3.20 -21.25 14.54
CA GLY C 23 -3.78 -22.43 15.17
C GLY C 23 -4.42 -23.40 14.20
N PHE C 24 -3.77 -23.65 13.07
CA PHE C 24 -4.22 -24.73 12.20
C PHE C 24 -3.07 -25.20 11.31
N SER C 25 -3.29 -26.35 10.70
CA SER C 25 -2.31 -26.94 9.79
C SER C 25 -3.02 -27.41 8.53
N LEU C 26 -2.26 -27.50 7.44
CA LEU C 26 -2.82 -27.87 6.15
C LEU C 26 -2.10 -29.10 5.59
N SER C 27 -2.83 -29.92 4.85
CA SER C 27 -2.25 -31.05 4.14
CA SER C 27 -2.26 -31.06 4.14
C SER C 27 -2.45 -30.90 2.63
N SER C 28 -1.57 -31.51 1.85
CA SER C 28 -1.62 -31.42 0.38
C SER C 28 -1.80 -32.77 -0.33
N VAL C 29 -2.26 -32.70 -1.59
CA VAL C 29 -2.45 -33.90 -2.39
C VAL C 29 -2.63 -33.55 -3.88
N GLU C 30 -2.43 -34.53 -4.76
CA GLU C 30 -2.52 -34.30 -6.20
C GLU C 30 -3.72 -34.99 -6.85
N GLY C 33 -6.75 -28.38 -9.67
CA GLY C 33 -7.07 -29.74 -9.31
C GLY C 33 -5.83 -30.60 -9.10
N ILE C 34 -4.68 -30.08 -9.53
CA ILE C 34 -3.41 -30.77 -9.34
C ILE C 34 -3.01 -30.72 -7.86
N ARG C 35 -2.70 -29.54 -7.35
CA ARG C 35 -2.48 -29.34 -5.92
CA ARG C 35 -2.49 -29.39 -5.92
C ARG C 35 -3.82 -29.07 -5.25
N ARG C 36 -4.08 -29.76 -4.15
CA ARG C 36 -5.26 -29.46 -3.34
CA ARG C 36 -5.26 -29.47 -3.33
C ARG C 36 -4.86 -29.33 -1.87
N LEU C 37 -5.46 -28.36 -1.18
CA LEU C 37 -5.13 -28.11 0.21
C LEU C 37 -6.33 -28.41 1.09
N TYR C 38 -6.09 -29.19 2.16
CA TYR C 38 -7.12 -29.50 3.14
C TYR C 38 -6.68 -29.05 4.52
N VAL C 39 -7.65 -28.71 5.37
CA VAL C 39 -7.35 -28.42 6.77
C VAL C 39 -7.11 -29.73 7.49
N ASN C 40 -5.88 -29.85 7.97
CA ASN C 40 -5.44 -31.04 8.64
C ASN C 40 -5.95 -31.05 10.08
N SER C 41 -5.59 -30.02 10.82
CA SER C 41 -6.03 -29.91 12.20
C SER C 41 -6.33 -28.47 12.56
N VAL C 42 -7.22 -28.30 13.54
CA VAL C 42 -7.49 -26.96 14.05
C VAL C 42 -7.34 -26.96 15.55
N LYS C 43 -6.44 -26.12 16.04
CA LYS C 43 -6.17 -26.08 17.46
C LYS C 43 -7.45 -25.64 18.14
N GLU C 44 -7.95 -26.51 19.03
CA GLU C 44 -9.22 -26.31 19.71
C GLU C 44 -9.37 -24.88 20.22
N THR C 45 -8.29 -24.32 20.73
CA THR C 45 -8.33 -23.00 21.35
C THR C 45 -7.55 -21.95 20.54
N GLY C 46 -7.50 -22.14 19.23
CA GLY C 46 -6.75 -21.23 18.37
C GLY C 46 -7.60 -20.26 17.57
N LEU C 47 -6.93 -19.31 16.91
CA LEU C 47 -7.59 -18.25 16.13
C LEU C 47 -8.47 -18.80 15.01
N ALA C 48 -7.94 -19.74 14.24
CA ALA C 48 -8.69 -20.33 13.14
C ALA C 48 -9.99 -20.95 13.65
N SER C 49 -9.86 -21.73 14.73
CA SER C 49 -11.02 -22.38 15.33
C SER C 49 -12.11 -21.36 15.64
N LYS C 50 -11.74 -20.30 16.33
CA LYS C 50 -12.71 -19.28 16.68
C LYS C 50 -13.38 -18.66 15.45
N LYS C 51 -12.62 -18.58 14.35
CA LYS C 51 -13.12 -17.96 13.13
C LYS C 51 -13.94 -18.91 12.25
N GLY C 52 -14.05 -20.16 12.66
CA GLY C 52 -14.94 -21.09 11.97
C GLY C 52 -14.29 -22.09 11.03
N LEU C 53 -12.96 -22.16 11.06
CA LEU C 53 -12.25 -23.17 10.27
C LEU C 53 -12.40 -24.54 10.93
N LYS C 54 -12.61 -25.56 10.11
CA LYS C 54 -12.86 -26.92 10.64
C LYS C 54 -11.95 -27.93 9.97
N ALA C 55 -11.56 -28.95 10.74
CA ALA C 55 -10.79 -30.07 10.21
C ALA C 55 -11.52 -30.65 9.00
N GLY C 56 -10.79 -30.93 7.94
CA GLY C 56 -11.42 -31.53 6.77
C GLY C 56 -11.95 -30.52 5.77
N ASP C 57 -11.94 -29.24 6.11
CA ASP C 57 -12.28 -28.21 5.14
C ASP C 57 -11.31 -28.24 3.97
N GLU C 58 -11.77 -27.94 2.77
CA GLU C 58 -10.84 -27.74 1.68
C GLU C 58 -10.55 -26.25 1.52
N ILE C 59 -9.27 -25.92 1.32
CA ILE C 59 -8.86 -24.54 1.06
C ILE C 59 -8.81 -24.32 -0.46
N LEU C 60 -9.71 -23.50 -0.96
CA LEU C 60 -9.77 -23.19 -2.39
C LEU C 60 -8.81 -22.08 -2.78
N GLU C 61 -8.72 -21.07 -1.92
CA GLU C 61 -7.82 -19.94 -2.14
C GLU C 61 -7.22 -19.45 -0.84
N ILE C 62 -6.00 -18.93 -0.93
CA ILE C 62 -5.45 -18.14 0.15
C ILE C 62 -5.06 -16.80 -0.44
N ASN C 63 -5.52 -15.73 0.20
CA ASN C 63 -5.29 -14.37 -0.30
C ASN C 63 -5.65 -14.21 -1.77
N ASN C 64 -6.78 -14.81 -2.15
CA ASN C 64 -7.31 -14.68 -3.52
C ASN C 64 -6.58 -15.50 -4.59
N ARG C 65 -5.64 -16.33 -4.17
CA ARG C 65 -4.88 -17.17 -5.09
C ARG C 65 -5.30 -18.63 -4.94
N ALA C 66 -5.56 -19.30 -6.05
CA ALA C 66 -6.03 -20.69 -6.02
C ALA C 66 -4.98 -21.63 -5.42
N ALA C 67 -5.43 -22.68 -4.75
CA ALA C 67 -4.56 -23.66 -4.10
C ALA C 67 -3.46 -24.20 -5.00
N ASP C 68 -3.81 -24.50 -6.25
CA ASP C 68 -2.85 -25.08 -7.19
C ASP C 68 -1.77 -24.09 -7.62
N ALA C 69 -1.98 -22.83 -7.30
CA ALA C 69 -1.05 -21.78 -7.72
C ALA C 69 -0.13 -21.36 -6.58
N LEU C 70 -0.28 -22.00 -5.43
CA LEU C 70 0.54 -21.68 -4.26
C LEU C 70 1.66 -22.69 -4.11
N ASN C 71 2.88 -22.22 -3.85
CA ASN C 71 3.98 -23.11 -3.51
C ASN C 71 4.33 -23.03 -2.03
N SER C 72 5.30 -23.83 -1.59
CA SER C 72 5.66 -23.89 -0.18
C SER C 72 6.13 -22.54 0.37
N SER C 73 6.94 -21.83 -0.41
CA SER C 73 7.42 -20.51 0.01
C SER C 73 6.27 -19.53 0.23
N MET C 74 5.35 -19.46 -0.71
CA MET C 74 4.19 -18.57 -0.55
C MET C 74 3.35 -18.97 0.65
N LEU C 75 3.09 -20.26 0.78
CA LEU C 75 2.28 -20.78 1.88
C LEU C 75 2.89 -20.39 3.21
N LYS C 76 4.18 -20.61 3.36
CA LYS C 76 4.89 -20.27 4.57
C LYS C 76 4.81 -18.77 4.86
N ASP C 77 5.00 -17.95 3.82
CA ASP C 77 4.91 -16.51 3.99
C ASP C 77 3.49 -16.10 4.42
N PHE C 78 2.50 -16.49 3.61
CA PHE C 78 1.11 -16.13 3.93
C PHE C 78 0.66 -16.59 5.32
N LEU C 79 1.03 -17.81 5.72
CA LEU C 79 0.56 -18.33 7.00
C LEU C 79 1.22 -17.65 8.19
N SER C 80 2.29 -16.88 7.94
CA SER C 80 3.00 -16.22 9.01
C SER C 80 2.73 -14.72 9.09
N GLN C 81 1.95 -14.20 8.15
CA GLN C 81 1.61 -12.77 8.11
C GLN C 81 0.58 -12.41 9.16
N PRO C 82 0.51 -11.12 9.53
CA PRO C 82 -0.40 -10.64 10.58
C PRO C 82 -1.88 -10.64 10.18
N SER C 83 -2.16 -10.83 8.90
CA SER C 83 -3.53 -11.08 8.46
C SER C 83 -3.55 -12.15 7.37
N LEU C 84 -4.68 -12.86 7.26
CA LEU C 84 -4.80 -13.99 6.34
C LEU C 84 -6.21 -14.10 5.83
N GLY C 85 -6.34 -14.25 4.52
CA GLY C 85 -7.65 -14.49 3.92
C GLY C 85 -7.71 -15.89 3.34
N LEU C 86 -8.83 -16.57 3.60
CA LEU C 86 -9.06 -17.92 3.11
C LEU C 86 -10.42 -18.06 2.44
N LEU C 87 -10.46 -18.80 1.34
CA LEU C 87 -11.72 -19.18 0.73
C LEU C 87 -11.83 -20.66 0.93
N VAL C 88 -12.84 -21.07 1.67
CA VAL C 88 -12.91 -22.45 2.11
C VAL C 88 -14.22 -23.14 1.72
N ARG C 89 -14.12 -24.42 1.42
CA ARG C 89 -15.28 -25.24 1.14
C ARG C 89 -15.48 -26.25 2.26
N THR C 90 -16.68 -26.26 2.85
CA THR C 90 -16.95 -27.02 4.06
C THR C 90 -18.34 -27.65 4.05
N TYR C 91 -18.53 -28.70 4.85
CA TYR C 91 -19.86 -29.27 5.00
C TYR C 91 -20.61 -28.53 6.08
N PRO C 92 -21.87 -28.16 5.79
CA PRO C 92 -22.73 -27.58 6.83
C PRO C 92 -22.89 -28.58 7.96
N GLU C 93 -23.13 -28.12 9.17
CA GLU C 93 -23.36 -29.04 10.27
C GLU C 93 -24.85 -29.21 10.56
N SER D 2 -12.29 16.95 -9.86
CA SER D 2 -11.35 17.86 -10.51
C SER D 2 -9.93 17.60 -10.02
N ARG D 3 -9.08 17.14 -10.92
CA ARG D 3 -7.73 16.72 -10.59
C ARG D 3 -6.82 17.01 -11.78
N LYS D 4 -5.71 17.70 -11.52
CA LYS D 4 -4.74 17.96 -12.58
C LYS D 4 -3.33 17.67 -12.11
N GLU D 5 -2.47 17.28 -13.05
CA GLU D 5 -1.08 17.00 -12.77
C GLU D 5 -0.21 18.08 -13.40
N TYR D 6 0.80 18.54 -12.68
CA TYR D 6 1.69 19.57 -13.19
C TYR D 6 3.15 19.16 -13.01
N TYR D 7 3.93 19.29 -14.08
CA TYR D 7 5.35 18.97 -14.01
C TYR D 7 6.18 20.24 -14.00
N ALA D 8 7.25 20.26 -13.20
CA ALA D 8 8.05 21.46 -13.03
C ALA D 8 9.55 21.15 -13.12
N ARG E 3 2.65 -35.19 -0.32
CA ARG E 3 1.83 -34.62 0.75
C ARG E 3 2.70 -33.97 1.82
N LYS E 4 2.33 -32.76 2.21
CA LYS E 4 3.07 -32.04 3.24
C LYS E 4 2.15 -31.23 4.14
N GLU E 5 2.44 -31.23 5.44
CA GLU E 5 1.68 -30.41 6.38
C GLU E 5 2.36 -29.07 6.65
N TYR E 6 1.53 -28.03 6.69
CA TYR E 6 1.98 -26.67 6.98
C TYR E 6 1.28 -26.15 8.22
N TYR E 7 2.03 -25.53 9.11
CA TYR E 7 1.48 -25.03 10.37
C TYR E 7 1.43 -23.51 10.38
N ALA E 8 0.23 -22.98 10.60
CA ALA E 8 0.00 -21.55 10.60
C ALA E 8 -0.21 -21.07 12.03
#